data_1CA8
#
_entry.id   1CA8
#
_cell.length_a   71.130
_cell.length_b   72.120
_cell.length_c   73.140
_cell.angle_alpha   90.00
_cell.angle_beta   100.80
_cell.angle_gamma   90.00
#
_symmetry.space_group_name_H-M   'C 1 2 1'
#
loop_
_entity.id
_entity.type
_entity.pdbx_description
1 polymer 'Thrombin light chain'
2 polymer 'Thrombin heavy chain'
3 polymer HIRUGEN
4 non-polymer 'SODIUM ION'
5 non-polymer 2-{(3S)-3-[(benzylsulfonyl)amino]-2-oxopiperidin-1-yl}-N-{(2S)-1-[(3S)-1-carbamimidoylpiperidin-3-yl]-3-oxopropan-2-yl}acetamide
6 water water
#
loop_
_entity_poly.entity_id
_entity_poly.type
_entity_poly.pdbx_seq_one_letter_code
_entity_poly.pdbx_strand_id
1 'polypeptide(L)' TFGSGEADCGLRPLFEKKSLEDKTERELLESYIDGR A
2 'polypeptide(L)'
;IVEGSDAEIGMSPWQVMLFRKSPQELLCGASLISDRWVLTAAHCLLYPPWDKNFTENDLLVRIGKHSRTRYERNIEKISM
LEKIYIHPRYNWRENLDRDIALMKLKKPVAFSDYIHPVCLPDRETAASLLQAGYKGRVTGWGNLKETWTANVGKGQPSVL
QVVNLPIVERPVCKDSTRIRITDNMFCAGYKPDEGKRGDACEGDSGGPFVMKSPFNNRWYQMGIVSWGEGCDRDGKYGFY
THVFRLKKWIQKVIDQFGE
;
B
3 'polypeptide(L)' (ACE)DGDFEEIPEE(TYS)L C
#
loop_
_chem_comp.id
_chem_comp.type
_chem_comp.name
_chem_comp.formula
0KV peptide-like 2-{(3S)-3-[(benzylsulfonyl)amino]-2-oxopiperidin-1-yl}-N-{(2S)-1-[(3S)-1-carbamimidoylpiperidin-3-yl]-3-oxopropan-2-yl}acetamide 'C23 H34 N6 O5 S'
ACE non-polymer 'ACETYL GROUP' 'C2 H4 O'
NA non-polymer 'SODIUM ION' 'Na 1'
#
# COMPACT_ATOMS: atom_id res chain seq x y z
N ALA A 7 -17.80 -1.89 -5.64
CA ALA A 7 -18.93 -2.63 -6.25
C ALA A 7 -18.42 -4.03 -6.57
N ASP A 8 -17.46 -3.96 -7.47
CA ASP A 8 -16.69 -5.14 -7.90
C ASP A 8 -15.32 -5.11 -7.18
N CYS A 9 -15.20 -4.20 -6.20
CA CYS A 9 -13.96 -4.02 -5.43
C CYS A 9 -13.48 -5.33 -4.82
N GLY A 10 -12.16 -5.48 -4.81
CA GLY A 10 -11.46 -6.58 -4.17
C GLY A 10 -11.64 -8.00 -4.66
N LEU A 11 -12.27 -8.18 -5.82
CA LEU A 11 -12.44 -9.51 -6.45
C LEU A 11 -11.56 -9.51 -7.70
N ARG A 12 -10.47 -10.26 -7.60
CA ARG A 12 -9.45 -10.25 -8.68
C ARG A 12 -9.88 -11.06 -9.90
N PRO A 13 -9.72 -10.46 -11.06
CA PRO A 13 -10.09 -11.13 -12.32
C PRO A 13 -9.41 -12.49 -12.51
N LEU A 14 -8.18 -12.65 -12.08
CA LEU A 14 -7.43 -13.88 -12.28
C LEU A 14 -7.46 -14.85 -11.12
N PHE A 15 -8.14 -14.47 -10.04
CA PHE A 15 -8.17 -15.36 -8.87
C PHE A 15 -9.63 -15.56 -8.46
N GLU A 16 -10.20 -14.67 -7.67
CA GLU A 16 -11.57 -14.74 -7.17
C GLU A 16 -12.61 -14.97 -8.26
N LYS A 17 -12.55 -14.22 -9.33
CA LYS A 17 -13.48 -14.32 -10.45
C LYS A 17 -13.45 -15.64 -11.21
N LYS A 18 -12.43 -16.45 -11.03
CA LYS A 18 -12.18 -17.70 -11.72
C LYS A 18 -12.12 -18.84 -10.73
N SER A 19 -12.23 -18.42 -9.49
CA SER A 19 -12.13 -19.32 -8.33
C SER A 19 -10.77 -20.01 -8.23
N LEU A 20 -9.72 -19.23 -8.52
CA LEU A 20 -8.34 -19.75 -8.33
C LEU A 20 -7.74 -18.99 -7.11
N GLU A 21 -6.93 -19.68 -6.35
CA GLU A 21 -6.24 -19.15 -5.17
C GLU A 21 -4.80 -18.80 -5.52
N ASP A 22 -4.30 -17.73 -4.91
CA ASP A 22 -2.88 -17.35 -5.06
C ASP A 22 -2.12 -18.27 -4.12
N LYS A 23 -0.80 -18.37 -4.33
CA LYS A 23 -0.02 -19.38 -3.61
C LYS A 23 0.15 -19.12 -2.12
N THR A 24 -0.25 -18.00 -1.56
CA THR A 24 -0.07 -17.93 -0.08
C THR A 24 -1.28 -17.33 0.62
N GLU A 25 -2.39 -17.23 -0.09
CA GLU A 25 -3.55 -16.59 0.55
C GLU A 25 -4.06 -17.49 1.67
N ARG A 26 -3.94 -18.80 1.65
CA ARG A 26 -4.37 -19.66 2.75
C ARG A 26 -3.69 -19.28 4.07
N GLU A 27 -2.48 -18.77 3.97
CA GLU A 27 -1.71 -18.37 5.16
C GLU A 27 -2.45 -17.23 5.86
N LEU A 28 -3.02 -16.30 5.12
CA LEU A 28 -3.89 -15.26 5.70
C LEU A 28 -5.12 -15.88 6.35
N LEU A 29 -5.91 -16.58 5.55
CA LEU A 29 -7.18 -17.16 6.06
C LEU A 29 -6.95 -18.05 7.26
N GLU A 30 -5.85 -18.78 7.27
CA GLU A 30 -5.52 -19.69 8.36
C GLU A 30 -5.21 -18.96 9.67
N SER A 31 -4.86 -17.71 9.57
CA SER A 31 -4.53 -16.92 10.77
C SER A 31 -5.81 -16.33 11.38
N TYR A 32 -6.88 -16.28 10.60
CA TYR A 32 -8.11 -15.67 11.13
C TYR A 32 -8.93 -16.60 12.02
N ILE B 1 10.64 -4.68 -0.03
CA ILE B 1 10.13 -5.74 0.83
C ILE B 1 11.34 -6.60 1.20
N VAL B 2 11.48 -7.01 2.44
CA VAL B 2 12.58 -7.85 2.89
C VAL B 2 12.05 -9.24 3.20
N GLU B 3 12.68 -10.26 2.65
CA GLU B 3 12.29 -11.65 2.87
C GLU B 3 10.92 -12.00 2.31
N GLY B 4 10.54 -11.36 1.22
CA GLY B 4 9.26 -11.63 0.55
C GLY B 4 9.54 -12.57 -0.63
N SER B 5 8.65 -12.59 -1.60
CA SER B 5 8.85 -13.44 -2.80
C SER B 5 8.14 -12.69 -3.92
N ASP B 6 8.42 -13.16 -5.12
CA ASP B 6 7.90 -12.50 -6.34
C ASP B 6 6.38 -12.64 -6.31
N ALA B 7 5.73 -11.59 -6.74
CA ALA B 7 4.28 -11.66 -6.82
C ALA B 7 3.95 -12.48 -8.09
N GLU B 8 2.77 -13.09 -8.01
CA GLU B 8 2.13 -13.77 -9.13
C GLU B 8 1.48 -12.70 -10.02
N ILE B 9 1.45 -13.02 -11.31
CA ILE B 9 0.78 -12.09 -12.23
C ILE B 9 -0.68 -11.96 -11.77
N GLY B 10 -1.14 -10.74 -11.79
CA GLY B 10 -2.43 -10.23 -11.37
C GLY B 10 -2.78 -10.49 -9.91
N MET B 11 -1.79 -10.76 -9.06
CA MET B 11 -2.04 -11.02 -7.64
C MET B 11 -2.44 -9.79 -6.85
N SER B 12 -2.14 -8.61 -7.27
CA SER B 12 -2.40 -7.37 -6.52
C SER B 12 -2.69 -6.27 -7.51
N PRO B 13 -3.86 -6.38 -8.13
CA PRO B 13 -4.22 -5.55 -9.26
C PRO B 13 -4.53 -4.11 -8.91
N TRP B 14 -4.58 -3.84 -7.62
CA TRP B 14 -4.80 -2.46 -7.13
C TRP B 14 -3.43 -1.80 -6.86
N GLN B 15 -2.34 -2.53 -7.01
CA GLN B 15 -0.99 -1.97 -6.74
C GLN B 15 -0.63 -0.95 -7.80
N VAL B 16 -0.28 0.25 -7.35
CA VAL B 16 0.11 1.39 -8.16
C VAL B 16 1.55 1.82 -7.86
N MET B 17 2.26 2.33 -8.85
CA MET B 17 3.65 2.83 -8.75
C MET B 17 3.63 4.36 -8.86
N LEU B 18 4.18 5.00 -7.87
CA LEU B 18 4.28 6.49 -7.88
C LEU B 18 5.64 6.76 -8.55
N PHE B 19 5.54 7.33 -9.72
CA PHE B 19 6.73 7.48 -10.58
C PHE B 19 7.02 8.95 -10.83
N ARG B 20 8.28 9.25 -10.57
CA ARG B 20 8.78 10.62 -10.76
C ARG B 20 9.21 10.79 -12.23
N LYS B 21 8.65 11.81 -12.86
CA LYS B 21 8.97 12.14 -14.25
C LYS B 21 10.40 12.76 -14.24
N PRO B 23 14.20 13.51 -12.17
CA PRO B 23 14.67 12.26 -12.81
C PRO B 23 13.45 11.33 -12.81
N GLN B 24 13.47 10.28 -13.61
CA GLN B 24 12.26 9.41 -13.71
C GLN B 24 12.61 8.31 -12.70
N GLU B 25 12.05 8.35 -11.50
CA GLU B 25 12.40 7.36 -10.47
C GLU B 25 11.18 6.90 -9.68
N LEU B 26 11.26 5.72 -9.10
CA LEU B 26 10.18 5.20 -8.26
C LEU B 26 10.15 5.95 -6.91
N LEU B 27 9.10 6.71 -6.66
CA LEU B 27 8.82 7.40 -5.40
C LEU B 27 8.23 6.48 -4.33
N CYS B 28 7.21 5.67 -4.58
CA CYS B 28 6.52 4.88 -3.53
C CYS B 28 5.44 4.00 -4.20
N GLY B 29 4.74 3.15 -3.49
CA GLY B 29 3.59 2.44 -4.10
C GLY B 29 2.40 3.40 -3.86
N ALA B 30 1.22 2.85 -4.09
CA ALA B 30 -0.07 3.55 -3.94
C ALA B 30 -1.10 2.43 -4.23
N SER B 31 -2.37 2.73 -4.07
CA SER B 31 -3.39 1.71 -4.34
C SER B 31 -4.59 2.36 -5.03
N LEU B 32 -5.21 1.55 -5.88
CA LEU B 32 -6.36 2.02 -6.69
C LEU B 32 -7.64 1.66 -5.93
N ILE B 33 -8.43 2.65 -5.61
CA ILE B 33 -9.66 2.41 -4.83
C ILE B 33 -10.90 2.67 -5.69
N SER B 34 -10.75 3.26 -6.85
CA SER B 34 -11.85 3.45 -7.81
C SER B 34 -11.20 3.67 -9.18
N ASP B 35 -12.00 4.03 -10.16
CA ASP B 35 -11.45 4.22 -11.51
C ASP B 35 -10.70 5.55 -11.59
N ARG B 36 -10.98 6.40 -10.61
CA ARG B 36 -10.35 7.72 -10.63
C ARG B 36 -9.54 8.07 -9.39
N TRP B 37 -9.42 7.24 -8.38
CA TRP B 37 -8.80 7.63 -7.10
C TRP B 37 -7.67 6.70 -6.67
N VAL B 38 -6.56 7.32 -6.29
CA VAL B 38 -5.44 6.51 -5.76
C VAL B 38 -5.20 6.87 -4.29
N LEU B 39 -4.89 5.90 -3.44
CA LEU B 39 -4.60 6.17 -2.02
C LEU B 39 -3.07 6.03 -1.82
N THR B 40 -2.44 6.90 -1.06
CA THR B 40 -1.00 6.75 -0.73
C THR B 40 -0.67 7.37 0.63
N ALA B 41 0.60 7.37 1.01
CA ALA B 41 1.15 7.95 2.26
C ALA B 41 1.44 9.42 2.00
N ALA B 42 1.01 10.32 2.88
CA ALA B 42 1.26 11.78 2.67
C ALA B 42 2.75 12.08 2.57
N HIS B 43 3.55 11.30 3.27
CA HIS B 43 4.98 11.63 3.32
C HIS B 43 5.66 11.34 1.98
N CYS B 44 5.02 10.53 1.15
CA CYS B 44 5.48 10.24 -0.22
C CYS B 44 5.51 11.53 -1.03
N LEU B 45 4.62 12.44 -0.67
CA LEU B 45 4.52 13.71 -1.39
C LEU B 45 5.14 14.91 -0.69
N LEU B 46 5.04 14.88 0.64
CA LEU B 46 5.42 16.08 1.41
C LEU B 46 6.13 15.66 2.69
N TYR B 47 7.38 16.09 2.73
CA TYR B 47 8.24 15.83 3.90
C TYR B 47 9.28 16.94 3.98
N PRO B 48 8.85 18.06 4.56
CA PRO B 48 9.68 19.28 4.64
C PRO B 48 11.08 19.09 5.20
N PRO B 49 11.29 18.29 6.22
CA PRO B 49 12.65 18.02 6.69
C PRO B 49 13.61 17.54 5.60
N TRP B 50 13.10 16.86 4.59
CA TRP B 50 13.94 16.31 3.53
C TRP B 50 13.80 17.16 2.27
N ASP B 51 13.14 18.28 2.43
CA ASP B 51 12.88 19.18 1.30
C ASP B 51 12.07 18.49 0.18
N LYS B 52 11.14 17.65 0.53
CA LYS B 52 10.23 16.95 -0.40
C LYS B 52 8.84 17.57 -0.40
N ASN B 53 8.42 18.19 -1.49
CA ASN B 53 7.10 18.78 -1.67
C ASN B 53 6.66 18.57 -3.13
N PHE B 54 6.27 17.35 -3.46
CA PHE B 54 5.82 17.06 -4.84
C PHE B 54 4.43 17.63 -5.09
N THR B 55 4.28 18.10 -6.31
CA THR B 55 3.14 18.72 -6.98
C THR B 55 2.51 17.82 -8.04
N GLU B 56 1.31 18.14 -8.50
CA GLU B 56 0.62 17.29 -9.48
C GLU B 56 1.46 17.00 -10.72
N ASN B 57 2.08 18.05 -11.24
CA ASN B 57 2.85 17.97 -12.49
C ASN B 57 4.21 17.31 -12.37
N ASP B 58 4.66 16.94 -11.19
CA ASP B 58 5.96 16.28 -10.97
C ASP B 58 5.90 14.76 -11.12
N LEU B 59 4.69 14.27 -10.97
CA LEU B 59 4.47 12.82 -10.89
C LEU B 59 3.64 12.20 -12.02
N LEU B 60 3.81 10.89 -12.04
CA LEU B 60 3.05 10.00 -12.92
C LEU B 60 2.68 8.80 -12.03
N VAL B 61 1.47 8.35 -12.25
CA VAL B 61 0.92 7.12 -11.66
C VAL B 61 0.94 6.02 -12.72
N ARG B 62 1.48 4.88 -12.38
CA ARG B 62 1.58 3.70 -13.24
C ARG B 62 0.83 2.54 -12.62
N ILE B 63 -0.16 2.03 -13.37
CA ILE B 63 -1.03 0.94 -12.89
C ILE B 63 -1.01 -0.34 -13.74
N GLY B 64 -1.13 -1.53 -13.16
CA GLY B 64 -1.14 -2.82 -13.87
C GLY B 64 0.26 -3.38 -14.08
N LYS B 65 1.23 -2.80 -13.39
CA LYS B 65 2.64 -3.18 -13.49
C LYS B 65 2.96 -4.44 -12.72
N HIS B 66 4.04 -5.04 -13.20
CA HIS B 66 4.59 -6.27 -12.57
C HIS B 66 6.09 -6.07 -12.36
N SER B 67 6.73 -5.72 -13.47
CA SER B 67 8.18 -5.48 -13.52
C SER B 67 8.44 -4.09 -12.93
N ARG B 68 9.50 -3.90 -12.17
CA ARG B 68 9.85 -2.55 -11.65
C ARG B 68 10.25 -1.55 -12.72
N THR B 69 11.12 -1.92 -13.66
CA THR B 69 11.64 -1.01 -14.70
C THR B 69 11.21 -1.07 -16.15
N ARG B 70 10.69 -2.19 -16.63
CA ARG B 70 10.29 -2.25 -18.05
C ARG B 70 9.00 -1.45 -18.20
N TYR B 71 8.76 -0.86 -19.34
CA TYR B 71 7.49 -0.21 -19.69
C TYR B 71 6.71 -1.39 -20.31
N GLU B 72 5.70 -1.85 -19.60
CA GLU B 72 4.96 -3.10 -19.91
C GLU B 72 3.86 -2.83 -20.89
N ARG B 73 4.27 -2.68 -22.15
CA ARG B 73 3.50 -2.36 -23.35
C ARG B 73 2.24 -3.24 -23.41
N ASN B 74 1.10 -2.56 -23.54
CA ASN B 74 -0.20 -3.25 -23.61
C ASN B 74 -0.72 -3.73 -22.26
N ILE B 75 0.02 -3.59 -21.18
CA ILE B 75 -0.38 -4.07 -19.85
C ILE B 75 -0.59 -2.91 -18.88
N GLU B 76 0.47 -2.14 -18.67
CA GLU B 76 0.31 -1.00 -17.73
C GLU B 76 -0.31 0.20 -18.40
N LYS B 77 -0.93 1.00 -17.55
CA LYS B 77 -1.54 2.28 -17.91
C LYS B 77 -0.90 3.33 -16.99
N ILE B 78 -0.51 4.44 -17.59
CA ILE B 78 0.18 5.55 -16.94
C ILE B 78 -0.75 6.75 -16.89
N SER B 79 -1.14 7.29 -15.74
CA SER B 79 -2.07 8.42 -15.73
C SER B 79 -1.34 9.66 -15.18
N MET B 80 -1.98 10.78 -15.44
CA MET B 80 -1.54 12.10 -15.01
C MET B 80 -2.49 12.40 -13.83
N LEU B 81 -1.92 13.12 -12.86
CA LEU B 81 -2.74 13.47 -11.70
C LEU B 81 -3.52 14.74 -11.98
N GLU B 82 -4.75 14.76 -11.51
CA GLU B 82 -5.51 16.02 -11.60
C GLU B 82 -5.33 16.87 -10.33
N LYS B 83 -5.27 16.22 -9.19
CA LYS B 83 -5.24 16.92 -7.89
C LYS B 83 -4.76 16.01 -6.78
N ILE B 84 -4.04 16.60 -5.85
CA ILE B 84 -3.52 15.92 -4.65
C ILE B 84 -4.21 16.52 -3.42
N TYR B 85 -4.60 15.62 -2.54
CA TYR B 85 -5.19 15.90 -1.24
C TYR B 85 -4.38 15.22 -0.14
N ILE B 86 -3.86 16.09 0.71
CA ILE B 86 -3.14 15.60 1.91
C ILE B 86 -4.03 15.75 3.15
N HIS B 87 -4.02 14.82 4.07
CA HIS B 87 -4.82 15.01 5.31
C HIS B 87 -4.39 16.30 6.00
N PRO B 88 -5.37 17.18 6.24
CA PRO B 88 -5.11 18.49 6.83
C PRO B 88 -4.35 18.35 8.15
N ARG B 89 -4.49 17.23 8.82
CA ARG B 89 -3.78 17.10 10.11
C ARG B 89 -2.62 16.12 10.07
N TYR B 90 -2.12 15.88 8.86
CA TYR B 90 -0.93 14.99 8.73
C TYR B 90 0.15 15.57 9.65
N ASN B 91 0.80 14.82 10.51
CA ASN B 91 1.88 15.38 11.36
C ASN B 91 3.30 14.98 10.93
N TRP B 92 3.88 15.77 10.04
CA TRP B 92 5.22 15.56 9.49
C TRP B 92 6.32 16.08 10.43
N ARG B 93 5.89 16.92 11.38
CA ARG B 93 6.81 17.49 12.39
C ARG B 93 7.17 16.49 13.48
N GLU B 94 6.37 15.45 13.67
CA GLU B 94 6.77 14.58 14.79
C GLU B 94 6.70 13.10 14.47
N ASN B 95 5.52 12.56 14.23
CA ASN B 95 5.46 11.10 14.09
C ASN B 95 4.78 10.58 12.82
N LEU B 96 4.50 11.41 11.84
CA LEU B 96 3.79 11.00 10.61
C LEU B 96 2.37 10.49 10.93
N ASP B 97 1.75 11.11 11.92
CA ASP B 97 0.37 10.82 12.33
C ASP B 97 -0.54 11.30 11.20
N ARG B 98 -1.45 10.40 10.83
CA ARG B 98 -2.37 10.68 9.69
C ARG B 98 -1.64 10.75 8.35
N ASP B 99 -0.77 9.77 8.13
CA ASP B 99 0.11 9.65 6.94
C ASP B 99 -0.72 9.11 5.74
N ILE B 100 -1.48 10.01 5.15
CA ILE B 100 -2.45 9.57 4.11
C ILE B 100 -2.74 10.72 3.16
N ALA B 101 -2.90 10.40 1.88
CA ALA B 101 -3.23 11.36 0.83
C ALA B 101 -4.09 10.61 -0.21
N LEU B 102 -4.87 11.37 -0.95
CA LEU B 102 -5.68 10.93 -2.09
C LEU B 102 -5.16 11.65 -3.34
N MET B 103 -5.07 10.94 -4.45
CA MET B 103 -4.67 11.54 -5.73
C MET B 103 -5.81 11.27 -6.73
N LYS B 104 -6.39 12.34 -7.26
CA LYS B 104 -7.45 12.12 -8.25
C LYS B 104 -6.86 12.21 -9.65
N LEU B 105 -7.08 11.12 -10.37
CA LEU B 105 -6.55 10.95 -11.75
C LEU B 105 -7.27 11.90 -12.71
N LYS B 106 -6.51 12.30 -13.69
CA LYS B 106 -6.92 13.19 -14.79
C LYS B 106 -8.05 12.55 -15.58
N LYS B 107 -8.14 11.22 -15.59
CA LYS B 107 -9.16 10.44 -16.27
C LYS B 107 -9.26 9.04 -15.65
N PRO B 108 -10.51 8.60 -15.56
CA PRO B 108 -10.82 7.28 -15.04
C PRO B 108 -10.01 6.26 -15.84
N VAL B 109 -9.45 5.30 -15.16
CA VAL B 109 -8.68 4.22 -15.79
C VAL B 109 -9.70 3.11 -16.09
N ALA B 110 -9.27 2.21 -16.94
CA ALA B 110 -10.11 1.09 -17.36
C ALA B 110 -9.54 -0.17 -16.71
N PHE B 111 -10.47 -0.90 -16.13
CA PHE B 111 -10.19 -2.18 -15.46
C PHE B 111 -9.74 -3.20 -16.49
N SER B 112 -9.06 -4.22 -15.99
CA SER B 112 -8.52 -5.22 -16.94
C SER B 112 -8.13 -6.36 -16.01
N ASP B 113 -7.54 -7.39 -16.58
CA ASP B 113 -7.11 -8.53 -15.75
C ASP B 113 -6.06 -8.09 -14.73
N TYR B 114 -5.40 -6.98 -14.99
CA TYR B 114 -4.23 -6.55 -14.18
C TYR B 114 -4.39 -5.29 -13.34
N ILE B 115 -5.49 -4.63 -13.56
CA ILE B 115 -5.95 -3.38 -12.98
C ILE B 115 -7.37 -3.55 -12.41
N HIS B 116 -7.51 -3.54 -11.10
CA HIS B 116 -8.82 -3.68 -10.41
C HIS B 116 -8.71 -3.00 -9.05
N PRO B 117 -9.73 -2.33 -8.55
CA PRO B 117 -9.65 -1.62 -7.25
C PRO B 117 -9.82 -2.54 -6.05
N VAL B 118 -9.21 -2.12 -4.96
CA VAL B 118 -9.32 -2.86 -3.67
C VAL B 118 -10.54 -2.22 -2.98
N CYS B 119 -11.13 -2.88 -2.00
CA CYS B 119 -12.20 -2.29 -1.20
C CYS B 119 -11.60 -1.49 -0.01
N LEU B 120 -12.36 -0.55 0.51
CA LEU B 120 -12.09 0.20 1.75
C LEU B 120 -12.96 -0.47 2.83
N PRO B 121 -12.40 -0.69 4.01
CA PRO B 121 -13.12 -1.39 5.07
C PRO B 121 -14.29 -0.57 5.60
N ASP B 122 -15.23 -1.34 6.11
CA ASP B 122 -16.40 -0.83 6.86
C ASP B 122 -16.03 -1.12 8.33
N ARG B 123 -16.67 -0.39 9.24
CA ARG B 123 -16.35 -0.59 10.64
C ARG B 123 -16.34 -2.04 11.08
N GLU B 124 -17.26 -2.83 10.59
CA GLU B 124 -17.39 -4.24 10.97
C GLU B 124 -16.34 -5.12 10.32
N THR B 125 -15.92 -4.78 9.10
CA THR B 125 -14.82 -5.60 8.51
C THR B 125 -13.58 -5.32 9.38
N ALA B 126 -13.36 -4.05 9.65
CA ALA B 126 -12.26 -3.55 10.47
C ALA B 126 -12.29 -4.17 11.85
N ALA B 127 -13.47 -4.19 12.46
CA ALA B 127 -13.62 -4.77 13.80
C ALA B 127 -13.16 -6.20 13.84
N SER B 128 -13.61 -7.04 12.92
CA SER B 128 -13.20 -8.45 13.00
C SER B 128 -11.83 -8.79 12.45
N LEU B 129 -11.27 -7.99 11.57
CA LEU B 129 -9.98 -8.41 10.97
C LEU B 129 -8.78 -7.79 11.66
N LEU B 130 -8.93 -6.55 12.11
CA LEU B 130 -7.79 -5.85 12.73
C LEU B 130 -7.60 -6.36 14.16
N GLN B 131 -7.03 -7.53 14.23
CA GLN B 131 -6.77 -8.27 15.46
C GLN B 131 -5.31 -8.74 15.51
N ALA B 132 -4.68 -8.69 16.69
CA ALA B 132 -3.27 -9.12 16.83
C ALA B 132 -3.11 -10.55 16.37
N GLY B 133 -2.09 -10.85 15.59
CA GLY B 133 -1.92 -12.23 15.13
C GLY B 133 -2.53 -12.54 13.78
N TYR B 134 -3.56 -11.81 13.37
CA TYR B 134 -4.15 -11.99 12.02
C TYR B 134 -3.09 -11.38 11.06
N LYS B 135 -2.95 -12.08 9.95
CA LYS B 135 -2.00 -11.66 8.92
C LYS B 135 -2.66 -10.87 7.79
N GLY B 136 -1.89 -9.92 7.33
CA GLY B 136 -2.13 -9.04 6.19
C GLY B 136 -0.98 -9.25 5.19
N ARG B 137 -1.08 -8.57 4.08
CA ARG B 137 -0.13 -8.77 2.98
C ARG B 137 0.35 -7.39 2.59
N VAL B 138 1.66 -7.26 2.41
CA VAL B 138 2.19 -5.97 1.93
C VAL B 138 2.88 -6.24 0.56
N THR B 139 2.82 -5.26 -0.31
CA THR B 139 3.45 -5.40 -1.63
C THR B 139 4.23 -4.17 -2.03
N GLY B 140 5.28 -4.40 -2.79
CA GLY B 140 6.03 -3.24 -3.30
C GLY B 140 7.29 -3.73 -4.04
N TRP B 141 7.91 -2.72 -4.59
CA TRP B 141 9.11 -2.78 -5.42
C TRP B 141 10.33 -2.17 -4.72
N GLY B 142 10.18 -1.93 -3.43
CA GLY B 142 11.21 -1.24 -2.64
C GLY B 142 12.39 -2.18 -2.40
N ASN B 143 13.30 -1.63 -1.63
CA ASN B 143 14.52 -2.36 -1.25
C ASN B 143 14.14 -3.72 -0.67
N LEU B 144 15.10 -4.60 -0.99
CA LEU B 144 15.15 -5.98 -0.58
C LEU B 144 15.96 -6.08 0.72
N LYS B 145 16.54 -5.77 0.89
CA LYS B 145 17.57 -5.55 1.90
C LYS B 145 17.72 -4.13 2.22
N GLU B 146 18.15 -3.79 3.36
CA GLU B 146 18.42 -2.42 3.36
C GLU B 146 19.04 -2.34 1.82
N THR B 147 18.46 -3.16 0.77
CA THR B 147 18.89 -3.18 -0.73
C THR B 147 17.86 -3.91 -1.68
N GLN B 156 17.30 -4.23 -5.25
CA GLN B 156 15.98 -3.91 -5.80
C GLN B 156 15.58 -5.11 -6.66
N PRO B 157 14.30 -5.43 -6.49
CA PRO B 157 13.72 -6.63 -7.10
C PRO B 157 13.54 -6.36 -8.60
N SER B 158 13.33 -7.41 -9.37
CA SER B 158 13.04 -7.14 -10.80
C SER B 158 11.52 -7.04 -10.97
N VAL B 159 10.84 -7.75 -10.10
CA VAL B 159 9.34 -7.80 -10.11
C VAL B 159 8.77 -7.47 -8.74
N LEU B 160 7.47 -7.21 -8.71
CA LEU B 160 6.72 -6.94 -7.48
C LEU B 160 6.93 -8.03 -6.45
N GLN B 161 7.17 -7.59 -5.20
CA GLN B 161 7.40 -8.53 -4.10
C GLN B 161 6.14 -8.49 -3.21
N VAL B 162 5.95 -9.55 -2.48
CA VAL B 162 4.79 -9.73 -1.60
C VAL B 162 5.31 -10.27 -0.28
N VAL B 163 4.72 -9.93 0.85
CA VAL B 163 5.08 -10.62 2.12
C VAL B 163 3.81 -10.58 2.97
N ASN B 164 3.48 -11.63 3.67
CA ASN B 164 2.38 -11.81 4.63
C ASN B 164 2.94 -11.59 6.05
N LEU B 165 2.35 -10.72 6.83
CA LEU B 165 2.84 -10.31 8.16
C LEU B 165 1.68 -10.21 9.17
N PRO B 166 2.01 -10.60 10.40
CA PRO B 166 1.04 -10.61 11.49
C PRO B 166 0.90 -9.27 12.20
N ILE B 167 -0.33 -8.89 12.50
CA ILE B 167 -0.59 -7.68 13.28
C ILE B 167 -0.11 -7.97 14.71
N VAL B 168 0.59 -7.02 15.30
CA VAL B 168 1.10 -7.17 16.68
C VAL B 168 0.32 -6.27 17.64
N GLU B 169 0.12 -6.69 18.86
CA GLU B 169 -0.58 -6.06 20.01
C GLU B 169 -0.01 -4.66 20.22
N ARG B 170 -0.79 -3.63 20.45
CA ARG B 170 -0.40 -2.23 20.60
C ARG B 170 0.74 -1.94 21.58
N PRO B 171 0.70 -2.50 22.77
CA PRO B 171 1.75 -2.37 23.78
C PRO B 171 3.14 -2.76 23.29
N VAL B 172 3.16 -3.87 22.58
CA VAL B 172 4.37 -4.44 21.96
C VAL B 172 4.87 -3.42 20.94
N CYS B 173 3.95 -2.88 20.15
CA CYS B 173 4.30 -1.85 19.18
C CYS B 173 4.97 -0.66 19.89
N LYS B 174 4.27 -0.15 20.88
CA LYS B 174 4.66 1.03 21.66
C LYS B 174 6.06 0.87 22.28
N ASP B 175 6.25 -0.27 22.89
CA ASP B 175 7.50 -0.57 23.60
C ASP B 175 8.70 -0.88 22.71
N SER B 176 8.55 -0.89 21.40
CA SER B 176 9.65 -1.22 20.48
C SER B 176 10.29 0.07 20.01
N THR B 177 9.68 1.20 20.29
CA THR B 177 10.24 2.45 19.73
C THR B 177 10.14 3.60 20.73
N ARG B 178 10.83 4.67 20.41
CA ARG B 178 10.82 5.92 21.16
C ARG B 178 9.76 6.83 20.53
N ILE B 179 9.33 6.56 19.32
CA ILE B 179 8.34 7.43 18.66
C ILE B 179 7.00 7.26 19.38
N ARG B 180 6.25 8.61 19.38
CA ARG B 180 5.07 8.13 20.12
C ARG B 180 3.96 7.78 19.12
N ILE B 181 3.43 6.61 19.36
CA ILE B 181 2.39 5.94 18.55
C ILE B 181 1.00 6.53 18.84
N THR B 182 0.20 6.61 17.78
CA THR B 182 -1.19 7.13 17.84
C THR B 182 -2.18 6.06 17.36
N ASP B 183 -3.46 6.34 17.71
CA ASP B 183 -4.61 5.52 17.35
C ASP B 183 -4.72 5.42 15.81
N ASN B 184 -4.13 6.35 15.09
CA ASN B 184 -4.11 6.29 13.62
C ASN B 184 -2.99 5.39 13.08
N MET B 185 -2.41 4.51 13.86
CA MET B 185 -1.31 3.68 13.35
C MET B 185 -1.51 2.27 13.89
N PHE B 186 -0.97 1.30 13.23
CA PHE B 186 -0.93 -0.07 13.79
C PHE B 186 0.48 -0.53 13.34
N CYS B 187 1.03 -1.56 13.96
CA CYS B 187 2.35 -2.07 13.52
C CYS B 187 2.15 -3.56 13.23
N ALA B 188 3.01 -4.10 12.40
CA ALA B 188 2.98 -5.51 11.99
C ALA B 188 4.39 -6.08 11.74
N GLY B 189 4.54 -7.37 11.96
CA GLY B 189 5.78 -8.12 11.84
C GLY B 189 5.79 -9.28 12.81
N TYR B 190 6.75 -10.17 12.56
CA TYR B 190 7.00 -11.33 13.42
C TYR B 190 7.86 -10.80 14.57
N LYS B 191 7.74 -11.42 15.72
CA LYS B 191 8.55 -11.14 16.93
C LYS B 191 9.82 -12.00 16.85
N PRO B 192 10.91 -11.55 17.45
CA PRO B 192 12.21 -12.25 17.34
C PRO B 192 12.18 -13.75 17.54
N ASP B 193 11.28 -14.11 18.41
CA ASP B 193 11.00 -15.49 18.77
C ASP B 193 10.34 -16.26 17.62
N GLU B 194 9.60 -15.58 16.77
CA GLU B 194 8.81 -16.23 15.72
C GLU B 194 9.52 -16.95 14.61
N GLY B 195 10.81 -16.68 14.43
CA GLY B 195 11.58 -17.41 13.41
C GLY B 195 11.00 -17.41 12.00
N LYS B 196 10.38 -16.28 11.72
CA LYS B 196 9.83 -15.89 10.42
C LYS B 196 10.12 -14.39 10.45
N ARG B 197 10.66 -13.92 9.35
CA ARG B 197 11.01 -12.52 9.10
C ARG B 197 10.09 -11.89 8.05
N GLY B 198 10.41 -10.66 7.74
CA GLY B 198 9.75 -9.91 6.68
C GLY B 198 9.45 -8.50 7.12
N ASP B 199 9.46 -7.62 6.13
CA ASP B 199 9.17 -6.21 6.44
C ASP B 199 9.14 -5.46 5.10
N ALA B 200 8.55 -4.28 5.17
CA ALA B 200 8.55 -3.35 4.03
C ALA B 200 9.96 -2.72 4.15
N CYS B 201 10.36 -1.94 3.18
CA CYS B 201 11.69 -1.29 3.26
C CYS B 201 11.56 -0.01 2.47
N GLU B 202 12.69 0.67 2.27
CA GLU B 202 12.64 1.93 1.54
C GLU B 202 11.98 1.68 0.19
N GLY B 203 11.22 2.66 -0.28
CA GLY B 203 10.59 2.51 -1.59
C GLY B 203 9.25 1.78 -1.57
N ASP B 204 8.85 1.19 -0.47
CA ASP B 204 7.57 0.50 -0.32
C ASP B 204 6.42 1.40 0.16
N SER B 205 6.77 2.55 0.70
CA SER B 205 5.88 3.51 1.31
C SER B 205 4.70 3.77 0.37
N GLY B 206 3.56 4.01 1.01
CA GLY B 206 2.35 4.34 0.25
C GLY B 206 1.66 3.09 -0.26
N GLY B 207 2.28 1.94 -0.25
CA GLY B 207 1.69 0.68 -0.70
C GLY B 207 0.63 0.23 0.31
N PRO B 208 -0.13 -0.74 -0.16
CA PRO B 208 -1.22 -1.33 0.61
C PRO B 208 -0.92 -2.45 1.60
N PHE B 209 -1.59 -2.40 2.75
CA PHE B 209 -1.53 -3.56 3.70
C PHE B 209 -2.97 -4.12 3.53
N VAL B 210 -3.16 -5.28 2.98
CA VAL B 210 -4.54 -5.73 2.61
C VAL B 210 -4.85 -7.00 3.37
N MET B 211 -6.15 -7.23 3.58
CA MET B 211 -6.51 -8.52 4.19
C MET B 211 -7.67 -9.09 3.36
N LYS B 212 -7.80 -10.38 3.34
CA LYS B 212 -8.90 -11.00 2.56
C LYS B 212 -10.02 -11.39 3.53
N SER B 213 -11.17 -10.75 3.41
CA SER B 213 -12.27 -11.14 4.33
C SER B 213 -12.71 -12.58 4.13
N PRO B 214 -12.89 -13.24 5.27
CA PRO B 214 -13.33 -14.64 5.23
C PRO B 214 -14.85 -14.70 5.10
N PHE B 215 -15.55 -13.58 5.10
CA PHE B 215 -17.03 -13.55 5.05
C PHE B 215 -17.54 -13.41 3.61
N ASN B 216 -16.84 -12.54 2.88
CA ASN B 216 -17.29 -12.28 1.51
C ASN B 216 -16.24 -12.50 0.44
N ASN B 217 -15.10 -13.05 0.81
CA ASN B 217 -13.93 -13.35 -0.01
C ASN B 217 -13.38 -12.19 -0.82
N ARG B 218 -13.55 -10.99 -0.30
CA ARG B 218 -13.07 -9.75 -0.86
C ARG B 218 -11.75 -9.30 -0.20
N TRP B 219 -10.97 -8.52 -0.91
CA TRP B 219 -9.68 -8.01 -0.35
C TRP B 219 -9.95 -6.60 0.16
N TYR B 220 -9.57 -6.36 1.40
CA TYR B 220 -9.72 -5.01 1.98
C TYR B 220 -8.36 -4.37 2.30
N GLN B 221 -8.23 -3.09 2.03
CA GLN B 221 -7.00 -2.37 2.37
C GLN B 221 -7.16 -1.81 3.79
N MET B 222 -6.49 -2.40 4.74
CA MET B 222 -6.56 -1.98 6.15
C MET B 222 -5.51 -0.93 6.52
N GLY B 223 -4.34 -1.06 5.89
CA GLY B 223 -3.21 -0.17 6.18
C GLY B 223 -2.46 0.39 4.99
N ILE B 224 -1.66 1.43 5.25
CA ILE B 224 -0.80 2.05 4.23
C ILE B 224 0.65 1.94 4.76
N VAL B 225 1.58 1.46 3.95
CA VAL B 225 3.00 1.45 4.39
C VAL B 225 3.40 2.86 4.83
N SER B 226 3.76 3.04 6.12
CA SER B 226 4.09 4.39 6.61
C SER B 226 5.53 4.63 7.06
N TRP B 227 5.97 4.01 8.14
CA TRP B 227 7.31 4.28 8.69
C TRP B 227 7.81 3.11 9.49
N GLY B 228 9.10 3.22 9.84
CA GLY B 228 9.73 2.16 10.65
C GLY B 228 11.18 2.58 10.91
N GLU B 229 11.97 1.69 11.48
CA GLU B 229 13.38 2.13 11.74
C GLU B 229 14.32 1.05 11.24
N GLY B 230 14.87 1.21 10.06
CA GLY B 230 15.68 0.11 9.46
C GLY B 230 14.65 -0.84 8.84
N CYS B 231 15.08 -1.97 8.33
CA CYS B 231 14.19 -2.93 7.67
C CYS B 231 14.42 -4.30 8.29
N ASP B 232 13.37 -4.98 8.67
CA ASP B 232 13.49 -6.35 9.18
C ASP B 232 14.50 -6.49 10.33
N ARG B 233 14.48 -5.54 11.24
CA ARG B 233 15.34 -5.56 12.45
C ARG B 233 14.71 -6.45 13.51
N ASP B 234 15.47 -7.23 14.26
CA ASP B 234 14.82 -8.02 15.33
C ASP B 234 14.34 -7.01 16.39
N GLY B 235 13.19 -7.29 16.94
CA GLY B 235 12.52 -6.50 17.97
C GLY B 235 11.94 -5.21 17.43
N LYS B 236 11.92 -5.05 16.12
CA LYS B 236 11.33 -3.81 15.56
C LYS B 236 10.19 -4.23 14.62
N TYR B 237 9.36 -3.28 14.26
CA TYR B 237 8.11 -3.51 13.54
C TYR B 237 7.80 -2.38 12.59
N GLY B 238 7.08 -2.76 11.53
CA GLY B 238 6.73 -1.74 10.53
C GLY B 238 5.42 -1.11 11.07
N PHE B 239 5.25 0.12 10.69
CA PHE B 239 4.09 0.89 11.12
C PHE B 239 3.30 1.31 9.88
N TYR B 240 1.99 1.23 10.05
CA TYR B 240 1.10 1.51 8.91
C TYR B 240 0.02 2.52 9.25
N THR B 241 -0.41 3.31 8.30
CA THR B 241 -1.59 4.15 8.60
C THR B 241 -2.83 3.25 8.73
N HIS B 242 -3.69 3.61 9.67
CA HIS B 242 -4.95 2.92 9.99
C HIS B 242 -6.08 3.46 9.12
N VAL B 243 -6.28 2.75 8.02
CA VAL B 243 -7.20 3.23 6.97
C VAL B 243 -8.60 3.48 7.50
N PHE B 244 -9.19 2.52 8.19
CA PHE B 244 -10.56 2.67 8.73
C PHE B 244 -10.71 3.93 9.59
N ARG B 245 -9.77 4.22 10.49
CA ARG B 245 -9.87 5.40 11.35
C ARG B 245 -9.91 6.67 10.51
N LEU B 246 -9.41 6.64 9.29
CA LEU B 246 -9.39 7.87 8.47
C LEU B 246 -10.40 7.86 7.33
N LYS B 247 -11.27 6.90 7.25
CA LYS B 247 -12.25 6.66 6.19
C LYS B 247 -13.25 7.79 5.97
N LYS B 248 -13.60 8.40 7.07
CA LYS B 248 -14.45 9.59 7.16
C LYS B 248 -13.84 10.65 6.25
N TRP B 249 -12.57 10.97 6.47
CA TRP B 249 -11.84 11.95 5.66
C TRP B 249 -11.80 11.52 4.19
N ILE B 250 -11.61 10.22 3.98
CA ILE B 250 -11.58 9.67 2.60
C ILE B 250 -12.89 9.98 1.88
N GLN B 251 -14.02 9.63 2.47
CA GLN B 251 -15.37 9.85 1.91
C GLN B 251 -15.64 11.33 1.67
CA LYS B 252 -15.43 13.53 2.68
C LYS B 252 -14.80 14.05 1.40
N VAL B 253 -13.56 13.68 1.09
CA VAL B 253 -12.96 14.26 -0.11
C VAL B 253 -13.58 13.77 -1.42
N ILE B 254 -13.76 12.49 -1.60
CA ILE B 254 -14.30 11.97 -2.87
C ILE B 254 -15.63 12.64 -3.15
N ASP B 255 -16.47 12.65 -2.14
CA ASP B 255 -17.81 13.23 -2.13
C ASP B 255 -17.75 14.73 -2.37
N GLN B 256 -16.98 15.39 -1.52
CA GLN B 256 -16.90 16.85 -1.64
C GLN B 256 -16.09 17.20 -2.88
N PHE B 257 -15.78 16.26 -3.75
CA PHE B 257 -14.93 16.70 -4.86
C PHE B 257 -14.70 15.70 -6.00
N GLY B 258 -15.35 14.55 -5.98
CA GLY B 258 -15.06 13.59 -7.05
C GLY B 258 -15.82 12.28 -7.07
N PHE C 5 15.57 2.59 -15.41
CA PHE C 5 14.19 2.48 -15.91
C PHE C 5 14.12 2.49 -17.42
N GLU C 6 13.41 1.53 -18.00
CA GLU C 6 13.18 1.60 -19.45
C GLU C 6 12.27 2.80 -19.68
N GLU C 7 12.64 3.68 -20.61
CA GLU C 7 11.96 4.94 -20.89
C GLU C 7 10.47 4.65 -21.14
N ILE C 8 9.66 5.66 -20.92
CA ILE C 8 8.21 5.49 -21.16
C ILE C 8 7.81 6.39 -22.30
N PRO C 9 6.70 6.04 -22.96
CA PRO C 9 6.14 6.86 -24.04
C PRO C 9 6.14 8.34 -23.67
N GLU C 10 6.51 9.11 -24.69
CA GLU C 10 6.68 10.55 -24.62
C GLU C 10 5.36 11.30 -24.49
N GLU C 11 4.33 10.62 -24.96
CA GLU C 11 2.98 11.21 -24.90
C GLU C 11 2.62 11.35 -23.42
N TYS C 12 3.21 10.51 -22.58
CA TYS C 12 2.89 10.54 -21.14
CB TYS C 12 3.34 9.26 -20.42
CG TYS C 12 2.46 8.11 -20.91
CD1 TYS C 12 1.09 8.35 -21.01
CD2 TYS C 12 3.01 6.94 -21.37
CE1 TYS C 12 0.26 7.41 -21.65
CE2 TYS C 12 2.18 5.99 -21.95
CZ TYS C 12 0.83 6.21 -22.01
OH TYS C 12 -0.03 5.24 -22.55
S TYS C 12 -0.37 4.02 -21.54
O1 TYS C 12 0.87 3.59 -20.89
O2 TYS C 12 -1.45 4.58 -20.78
O3 TYS C 12 -0.76 2.93 -22.45
C TYS C 12 3.53 11.75 -20.47
O TYS C 12 2.81 12.53 -19.81
NA NA D . 11.20 -7.04 13.06
NA NA E . 8.18 3.43 23.56
C7 0KV F . 11.87 7.14 12.80
C8 0KV F . 10.78 8.16 12.71
C9 0KV F . 9.52 7.72 12.35
C10 0KV F . 8.50 8.67 12.19
C11 0KV F . 8.81 10.02 12.05
C12 0KV F . 10.14 10.43 12.25
C13 0KV F . 11.05 9.52 12.78
S 0KV F . 12.97 7.07 11.41
O1S 0KV F . 13.74 5.89 11.63
O2S 0KV F . 13.54 8.34 11.10
N1 0KV F . 12.10 6.78 10.01
C1 0KV F . 10.51 7.13 8.21
O1 0KV F . 10.26 5.95 8.46
CA1 0KV F . 11.43 7.78 9.29
CB1 0KV F . 12.27 8.85 8.66
CD1 0KV F . 10.29 9.36 7.13
CG1 0KV F . 11.40 9.89 8.01
C2 0KV F . 10.04 6.26 5.78
N2 0KV F . 9.94 7.95 7.36
O2 0KV F . 11.04 6.83 5.24
CA2 0KV F . 9.02 7.20 6.50
C3 0KV F . 9.30 4.90 2.64
N3 0KV F . 9.09 5.35 5.23
O3 0KV F . 9.36 6.07 2.25
C4 0KV F . 11.43 2.29 5.43
C5 0KV F . 12.19 2.00 6.77
C6 0KV F . 11.21 1.78 7.95
CA3 0KV F . 9.53 4.48 4.11
CB3 0KV F . 9.18 2.99 4.33
CD3 0KV F . 9.11 1.66 6.55
NE3 0KV F . 10.00 0.96 7.54
CG3 0KV F . 9.92 2.62 5.64
CZ3 0KV F . 9.66 -0.34 8.08
NH1 0KV F . 10.55 -1.00 8.76
NH2 0KV F . 8.50 -0.88 7.79
#